data_3EYU
#
_entry.id   3EYU
#
_cell.length_a   41.632
_cell.length_b   42.632
_cell.length_c   58.729
_cell.angle_alpha   96.090
_cell.angle_beta   93.580
_cell.angle_gamma   91.710
#
_symmetry.space_group_name_H-M   'P 1'
#
loop_
_entity.id
_entity.type
_entity.pdbx_description
1 polymer 'If kappa light chain'
2 polymer 'PFA1 Fab Heavy Chain'
3 polymer 'ROR2(518-525) peptide'
4 water water
#
loop_
_entity_poly.entity_id
_entity_poly.type
_entity_poly.pdbx_seq_one_letter_code
_entity_poly.pdbx_strand_id
1 'polypeptide(L)'
;DVLMTQTPLSLPVSLGDQASISCRSSQSIVHSNGNTYLEWYLQKPGQSPKLLIYKVSNRFSGVPDRFSGSGSGTDFTLKI
SRVEAEDLGVYYCFQGSHVPLTFGAGTKLELKRADAAPTVSIFPPSSEQLTSGGASVVCFLNNFYPKDINVKWKIDGSER
QNGVLNSWTDQDSKDSTYSMSSTLTLTKDEYERHNSYTCEATHKTSTSPIVKSFNRNE(YCM)
;
L
2 'polypeptide(L)'
;QVTLKESGPGILKPSQTLSLTCSFSGFSLSTSGMGVGWIRQPSGKGLEWLAHIWWDDDRSYNPSLKSQLTISKDAARNQV
FLRITSVDTADTATYYCVRRAHTTVLGDWFAYWGQGTLVTVSAAKTTAPSVYPLAPV(YCM)GGTTGSSVTLGCLVKGYF
PEPVTLTWNSGSLSSGVHTFPAVLQSDLYTLSSSVTVTSSTWPSQSITCNVAHPASSTKVDKKIEPRGPT
;
H
3 'polypeptide(L)' REEFRHEA Q
#
# COMPACT_ATOMS: atom_id res chain seq x y z
N ASP A 1 -8.61 19.29 -12.96
CA ASP A 1 -8.62 19.01 -11.50
C ASP A 1 -7.76 19.98 -10.70
N VAL A 2 -8.10 20.16 -9.44
CA VAL A 2 -7.23 20.86 -8.53
C VAL A 2 -6.23 19.84 -8.02
N LEU A 3 -4.94 20.16 -8.14
CA LEU A 3 -3.90 19.28 -7.62
C LEU A 3 -3.39 19.70 -6.26
N MET A 4 -3.36 18.74 -5.34
CA MET A 4 -2.73 18.96 -4.06
C MET A 4 -1.32 18.35 -4.08
N THR A 5 -0.32 19.21 -4.14
CA THR A 5 1.05 18.75 -4.03
C THR A 5 1.52 18.90 -2.60
N GLN A 6 1.80 17.77 -1.95
CA GLN A 6 2.43 17.80 -0.64
C GLN A 6 3.96 17.75 -0.75
N THR A 7 4.64 18.42 0.18
CA THR A 7 6.11 18.43 0.29
C THR A 7 6.47 18.28 1.76
N PRO A 8 7.36 17.34 2.11
CA PRO A 8 7.88 16.28 1.27
C PRO A 8 6.87 15.13 1.21
N LEU A 9 7.19 14.09 0.46
CA LEU A 9 6.36 12.92 0.45
C LEU A 9 6.74 11.94 1.56
N SER A 10 8.01 11.94 1.95
CA SER A 10 8.52 11.27 3.15
C SER A 10 9.12 12.27 4.12
N LEU A 11 8.65 12.22 5.38
CA LEU A 11 9.16 13.11 6.43
C LEU A 11 9.68 12.34 7.66
N PRO A 12 11.00 12.06 7.70
CA PRO A 12 11.62 11.48 8.90
C PRO A 12 11.68 12.50 10.01
N VAL A 13 11.41 12.06 11.24
CA VAL A 13 11.54 12.91 12.42
C VAL A 13 11.97 12.06 13.59
N SER A 14 12.35 12.70 14.69
CA SER A 14 12.45 12.03 15.99
C SER A 14 11.25 12.44 16.81
N LEU A 15 10.87 11.61 17.79
CA LEU A 15 9.75 11.91 18.68
C LEU A 15 10.12 13.09 19.56
N GLY A 16 9.36 14.16 19.48
CA GLY A 16 9.71 15.40 20.16
C GLY A 16 10.22 16.50 19.23
N ASP A 17 10.46 16.17 17.96
CA ASP A 17 10.76 17.18 16.93
C ASP A 17 9.50 17.95 16.50
N GLN A 18 9.70 19.13 15.90
CA GLN A 18 8.62 19.80 15.20
C GLN A 18 8.63 19.40 13.70
N ALA A 19 7.45 19.24 13.10
CA ALA A 19 7.33 18.84 11.70
C ALA A 19 6.40 19.76 10.93
N SER A 20 6.69 19.98 9.65
CA SER A 20 5.82 20.82 8.81
C SER A 20 5.56 20.18 7.46
N ILE A 21 4.31 20.12 7.05
CA ILE A 21 3.97 19.58 5.74
C ILE A 21 3.29 20.65 4.94
N SER A 22 3.94 21.05 3.84
CA SER A 22 3.38 22.03 2.92
C SER A 22 2.37 21.33 2.04
N CYS A 23 1.27 22.02 1.75
CA CYS A 23 0.32 21.58 0.72
C CYS A 23 -0.09 22.77 -0.11
N ARG A 24 0.08 22.64 -1.43
CA ARG A 24 -0.21 23.70 -2.37
C ARG A 24 -1.15 23.22 -3.45
N SER A 25 -2.24 23.95 -3.65
CA SER A 25 -3.24 23.64 -4.67
C SER A 25 -2.96 24.34 -6.00
N SER A 26 -3.27 23.67 -7.12
CA SER A 26 -3.03 24.22 -8.46
C SER A 26 -3.88 25.47 -8.76
N GLN A 27 -4.96 25.63 -8.02
CA GLN A 27 -5.84 26.82 -8.09
C GLN A 27 -6.58 27.07 -6.77
N SER A 28 -7.06 28.30 -6.60
CA SER A 28 -7.69 28.78 -5.34
C SER A 28 -8.72 27.82 -4.73
N ILE A 29 -8.70 27.70 -3.40
CA ILE A 29 -9.62 26.81 -2.68
C ILE A 29 -10.78 27.58 -2.02
N VAL A 30 -10.70 28.91 -2.08
CA VAL A 30 -11.78 29.80 -1.62
C VAL A 30 -13.03 29.53 -2.44
N HIS A 31 -13.99 28.86 -1.82
CA HIS A 31 -15.31 28.66 -2.38
C HIS A 31 -15.95 30.04 -2.58
N SER A 32 -16.89 30.13 -3.51
CA SER A 32 -17.55 31.41 -3.77
C SER A 32 -18.42 31.88 -2.60
N ASN A 33 -18.65 31.01 -1.63
CA ASN A 33 -19.47 31.36 -0.48
C ASN A 33 -18.71 32.15 0.57
N GLY A 34 -17.38 32.05 0.54
CA GLY A 34 -16.52 32.77 1.46
C GLY A 34 -15.47 31.90 2.12
N ASN A 35 -15.71 30.59 2.11
CA ASN A 35 -14.89 29.65 2.87
C ASN A 35 -13.87 28.92 2.04
N THR A 36 -12.78 28.55 2.71
CA THR A 36 -11.70 27.73 2.19
C THR A 36 -11.84 26.33 2.78
N TYR A 37 -12.37 25.40 2.00
CA TYR A 37 -12.58 24.03 2.47
C TYR A 37 -11.34 23.21 2.26
N LEU A 38 -10.33 23.49 3.09
CA LEU A 38 -9.09 22.74 3.10
C LEU A 38 -9.01 21.95 4.39
N GLU A 39 -8.92 20.63 4.24
CA GLU A 39 -8.89 19.73 5.37
C GLU A 39 -7.61 18.91 5.40
N TRP A 40 -7.31 18.35 6.57
CA TRP A 40 -6.18 17.41 6.74
C TRP A 40 -6.63 16.08 7.37
N TYR A 41 -6.22 14.97 6.77
CA TYR A 41 -6.58 13.64 7.28
C TYR A 41 -5.37 12.81 7.64
N LEU A 42 -5.50 12.02 8.70
CA LEU A 42 -4.45 11.09 9.10
C LEU A 42 -4.98 9.69 8.90
N GLN A 43 -4.15 8.86 8.26
CA GLN A 43 -4.42 7.44 8.14
C GLN A 43 -3.27 6.65 8.77
N LYS A 44 -3.57 5.96 9.88
CA LYS A 44 -2.60 5.08 10.54
C LYS A 44 -2.68 3.70 9.89
N PRO A 45 -1.53 3.00 9.77
CA PRO A 45 -1.44 1.68 9.11
C PRO A 45 -2.70 0.81 9.27
N GLY A 46 -3.34 0.46 8.17
CA GLY A 46 -4.53 -0.41 8.20
C GLY A 46 -5.68 0.16 9.01
N GLN A 47 -5.88 1.48 8.93
CA GLN A 47 -7.03 2.15 9.55
C GLN A 47 -7.65 3.10 8.56
N SER A 48 -8.90 3.44 8.81
CA SER A 48 -9.57 4.42 7.99
C SER A 48 -8.95 5.80 8.28
N PRO A 49 -9.00 6.74 7.32
CA PRO A 49 -8.60 8.11 7.64
C PRO A 49 -9.44 8.76 8.76
N LYS A 50 -8.83 9.72 9.45
CA LYS A 50 -9.49 10.44 10.51
C LYS A 50 -9.24 11.89 10.22
N LEU A 51 -10.28 12.69 10.39
CA LEU A 51 -10.14 14.12 10.18
C LEU A 51 -9.34 14.74 11.32
N LEU A 52 -8.39 15.59 10.96
CA LEU A 52 -7.64 16.34 11.95
C LEU A 52 -8.01 17.82 11.88
N ILE A 53 -7.90 18.38 10.67
CA ILE A 53 -8.10 19.81 10.49
C ILE A 53 -9.07 20.12 9.35
N TYR A 54 -9.98 21.06 9.60
CA TYR A 54 -10.91 21.52 8.58
C TYR A 54 -10.87 23.05 8.42
N LYS A 55 -11.41 23.56 7.31
CA LYS A 55 -11.33 24.98 6.94
C LYS A 55 -10.00 25.60 7.39
N VAL A 56 -8.92 25.09 6.81
CA VAL A 56 -7.55 25.58 7.00
C VAL A 56 -6.91 25.34 8.40
N SER A 57 -7.63 25.66 9.48
CA SER A 57 -7.02 25.77 10.81
C SER A 57 -7.99 25.54 11.97
N ASN A 58 -9.10 24.87 11.70
CA ASN A 58 -10.01 24.45 12.74
C ASN A 58 -9.72 23.00 13.13
N ARG A 59 -9.26 22.81 14.35
CA ARG A 59 -9.03 21.46 14.84
C ARG A 59 -10.34 20.73 15.03
N PHE A 60 -10.33 19.44 14.72
CA PHE A 60 -11.49 18.60 14.96
C PHE A 60 -11.60 18.34 16.45
N SER A 61 -12.80 18.02 16.91
CA SER A 61 -13.05 17.64 18.29
C SER A 61 -12.15 16.46 18.61
N GLY A 62 -11.51 16.53 19.77
CA GLY A 62 -10.60 15.47 20.19
C GLY A 62 -9.16 15.52 19.68
N VAL A 63 -8.87 16.42 18.73
CA VAL A 63 -7.50 16.54 18.20
C VAL A 63 -6.64 17.42 19.14
N PRO A 64 -5.50 16.86 19.62
CA PRO A 64 -4.62 17.59 20.55
C PRO A 64 -3.99 18.89 19.98
N ASP A 65 -3.69 19.85 20.87
CA ASP A 65 -3.33 21.21 20.45
C ASP A 65 -1.96 21.31 19.82
N ARG A 66 -1.25 20.18 19.76
CA ARG A 66 0.08 20.16 19.16
C ARG A 66 -0.02 20.18 17.62
N PHE A 67 -1.24 20.00 17.10
CA PHE A 67 -1.49 20.14 15.66
C PHE A 67 -2.01 21.54 15.39
N SER A 68 -1.50 22.18 14.35
CA SER A 68 -2.17 23.39 13.84
C SER A 68 -2.18 23.49 12.30
N GLY A 69 -3.05 24.37 11.79
CA GLY A 69 -3.21 24.61 10.35
C GLY A 69 -3.09 26.09 9.99
N SER A 70 -2.51 26.39 8.83
CA SER A 70 -2.19 27.75 8.46
C SER A 70 -2.25 27.90 6.95
N GLY A 71 -2.41 29.12 6.48
CA GLY A 71 -2.42 29.38 5.03
C GLY A 71 -3.70 29.91 4.42
N SER A 72 -3.62 30.24 3.13
CA SER A 72 -4.68 30.92 2.40
C SER A 72 -4.46 30.80 0.89
N GLY A 73 -5.55 30.92 0.13
CA GLY A 73 -5.50 30.85 -1.32
C GLY A 73 -5.17 29.45 -1.79
N THR A 74 -3.88 29.25 -2.10
CA THR A 74 -3.36 28.01 -2.68
C THR A 74 -2.13 27.50 -1.92
N ASP A 75 -1.94 27.96 -0.69
CA ASP A 75 -0.69 27.67 0.04
C ASP A 75 -0.95 27.39 1.50
N PHE A 76 -0.82 26.12 1.90
CA PHE A 76 -1.24 25.65 3.22
C PHE A 76 -0.16 24.82 3.94
N THR A 77 -0.20 24.81 5.27
CA THR A 77 0.78 24.05 6.05
C THR A 77 0.13 23.41 7.27
N LEU A 78 0.48 22.15 7.51
CA LEU A 78 0.19 21.50 8.78
C LEU A 78 1.47 21.50 9.60
N LYS A 79 1.32 21.82 10.88
CA LYS A 79 2.44 21.80 11.82
C LYS A 79 2.09 20.93 12.98
N ILE A 80 3.12 20.23 13.48
CA ILE A 80 3.04 19.37 14.66
C ILE A 80 4.19 19.81 15.53
N SER A 81 3.89 20.46 16.64
CA SER A 81 4.92 21.04 17.52
C SER A 81 5.85 20.02 18.20
N ARG A 82 5.29 18.91 18.72
CA ARG A 82 6.05 17.77 19.26
C ARG A 82 5.41 16.52 18.69
N VAL A 83 6.08 15.90 17.72
CA VAL A 83 5.61 14.64 17.19
C VAL A 83 5.56 13.62 18.33
N GLU A 84 4.39 13.07 18.59
CA GLU A 84 4.28 11.98 19.55
C GLU A 84 4.20 10.65 18.78
N ALA A 85 4.40 9.53 19.48
CA ALA A 85 4.44 8.23 18.80
C ALA A 85 3.21 8.00 17.92
N GLU A 86 2.04 8.07 18.55
CA GLU A 86 0.74 7.84 17.90
C GLU A 86 0.46 8.74 16.66
N ASP A 87 1.29 9.76 16.46
CA ASP A 87 1.15 10.69 15.32
C ASP A 87 1.67 10.11 13.99
N LEU A 88 2.52 9.08 14.05
CA LEU A 88 3.13 8.53 12.84
C LEU A 88 2.08 7.90 11.96
N GLY A 89 2.12 8.24 10.67
CA GLY A 89 1.19 7.69 9.70
C GLY A 89 1.31 8.43 8.39
N VAL A 90 0.20 8.51 7.66
CA VAL A 90 0.19 9.18 6.38
C VAL A 90 -0.81 10.29 6.43
N TYR A 91 -0.39 11.45 5.98
CA TYR A 91 -1.15 12.68 6.12
C TYR A 91 -1.54 13.17 4.75
N TYR A 92 -2.82 13.50 4.60
CA TYR A 92 -3.36 13.93 3.32
C TYR A 92 -3.91 15.33 3.46
N CYS A 93 -3.67 16.19 2.48
CA CYS A 93 -4.46 17.41 2.40
C CYS A 93 -5.62 17.16 1.43
N PHE A 94 -6.72 17.84 1.65
CA PHE A 94 -7.91 17.65 0.88
C PHE A 94 -8.49 19.00 0.58
N GLN A 95 -9.01 19.19 -0.63
CA GLN A 95 -9.84 20.36 -0.92
C GLN A 95 -11.23 19.92 -1.28
N GLY A 96 -12.22 20.51 -0.60
CA GLY A 96 -13.62 20.18 -0.82
C GLY A 96 -14.41 21.26 -1.52
N SER A 97 -13.71 22.16 -2.20
CA SER A 97 -14.37 23.30 -2.85
C SER A 97 -14.79 23.06 -4.29
N HIS A 98 -13.96 22.32 -5.02
CA HIS A 98 -14.14 22.11 -6.46
C HIS A 98 -14.47 20.67 -6.78
N VAL A 99 -15.22 20.46 -7.87
CA VAL A 99 -15.52 19.12 -8.39
C VAL A 99 -14.58 18.80 -9.55
N PRO A 100 -13.80 17.71 -9.43
CA PRO A 100 -13.95 16.70 -8.38
C PRO A 100 -13.12 17.00 -7.14
N LEU A 101 -13.58 16.49 -6.01
CA LEU A 101 -12.85 16.59 -4.75
C LEU A 101 -11.49 15.87 -4.85
N THR A 102 -10.41 16.53 -4.44
CA THR A 102 -9.09 15.91 -4.49
C THR A 102 -8.32 15.85 -3.17
N PHE A 103 -7.56 14.77 -3.01
CA PHE A 103 -6.54 14.67 -1.98
C PHE A 103 -5.15 14.83 -2.56
N GLY A 104 -4.22 15.26 -1.71
CA GLY A 104 -2.80 15.16 -2.01
C GLY A 104 -2.40 13.70 -1.99
N ALA A 105 -1.19 13.41 -2.47
CA ALA A 105 -0.73 12.03 -2.61
C ALA A 105 -0.38 11.34 -1.28
N GLY A 106 -0.22 12.13 -0.22
CA GLY A 106 0.08 11.60 1.11
C GLY A 106 1.51 11.79 1.57
N THR A 107 1.69 12.31 2.79
CA THR A 107 3.02 12.49 3.41
C THR A 107 3.18 11.45 4.51
N LYS A 108 4.16 10.57 4.32
CA LYS A 108 4.53 9.61 5.36
C LYS A 108 5.39 10.29 6.43
N LEU A 109 4.83 10.36 7.63
CA LEU A 109 5.57 10.72 8.83
C LEU A 109 6.24 9.46 9.35
N GLU A 110 7.55 9.37 9.17
CA GLU A 110 8.27 8.19 9.59
C GLU A 110 9.47 8.49 10.50
N LEU A 111 10.03 7.42 11.07
CA LEU A 111 10.98 7.57 12.15
C LEU A 111 12.39 7.67 11.65
N LYS A 112 13.11 8.68 12.13
CA LYS A 112 14.46 8.94 11.71
C LYS A 112 15.39 8.03 12.47
N ARG A 113 16.40 7.54 11.76
CA ARG A 113 17.47 6.81 12.39
C ARG A 113 18.80 7.04 11.67
N ALA A 114 19.86 6.38 12.18
CA ALA A 114 21.17 6.43 11.59
C ALA A 114 21.16 5.70 10.23
N ASP A 115 22.03 6.16 9.31
CA ASP A 115 22.17 5.52 7.99
C ASP A 115 22.60 4.06 8.16
N ALA A 116 22.00 3.18 7.37
CA ALA A 116 22.30 1.75 7.46
C ALA A 116 22.33 1.11 6.08
N ALA A 117 23.42 0.42 5.77
CA ALA A 117 23.61 -0.16 4.44
C ALA A 117 22.82 -1.46 4.26
N PRO A 118 22.30 -1.70 3.04
CA PRO A 118 21.58 -2.96 2.79
C PRO A 118 22.48 -4.18 2.84
N THR A 119 22.02 -5.23 3.52
CA THR A 119 22.61 -6.55 3.36
C THR A 119 21.91 -7.16 2.15
N VAL A 120 22.70 -7.47 1.11
CA VAL A 120 22.15 -7.97 -0.14
C VAL A 120 22.49 -9.44 -0.36
N SER A 121 21.52 -10.17 -0.90
CA SER A 121 21.60 -11.59 -1.16
C SER A 121 20.96 -11.92 -2.48
N ILE A 122 21.63 -12.76 -3.27
CA ILE A 122 21.07 -13.18 -4.56
C ILE A 122 20.90 -14.71 -4.60
N PHE A 123 19.84 -15.14 -5.27
CA PHE A 123 19.44 -16.53 -5.32
C PHE A 123 19.04 -16.93 -6.75
N PRO A 124 19.58 -18.05 -7.24
CA PRO A 124 19.22 -18.60 -8.57
C PRO A 124 17.90 -19.34 -8.49
N PRO A 125 17.31 -19.63 -9.65
CA PRO A 125 16.10 -20.44 -9.61
C PRO A 125 16.35 -21.78 -8.89
N SER A 126 15.37 -22.23 -8.13
CA SER A 126 15.37 -23.57 -7.57
C SER A 126 15.35 -24.63 -8.68
N SER A 127 15.91 -25.79 -8.39
CA SER A 127 15.81 -26.95 -9.29
C SER A 127 14.33 -27.21 -9.55
N GLU A 128 13.52 -27.03 -8.50
CA GLU A 128 12.07 -27.24 -8.55
C GLU A 128 11.38 -26.40 -9.61
N GLN A 129 11.68 -25.12 -9.64
CA GLN A 129 11.14 -24.24 -10.66
C GLN A 129 11.61 -24.65 -12.05
N LEU A 130 12.91 -24.92 -12.18
CA LEU A 130 13.49 -25.37 -13.45
C LEU A 130 12.84 -26.69 -13.93
N THR A 131 12.79 -27.69 -13.05
CA THR A 131 12.02 -28.91 -13.30
C THR A 131 10.67 -28.56 -13.93
N SER A 132 10.03 -27.51 -13.43
CA SER A 132 8.70 -27.13 -13.89
C SER A 132 8.71 -26.07 -15.02
N GLY A 133 9.90 -25.67 -15.48
CA GLY A 133 10.03 -24.82 -16.67
C GLY A 133 9.95 -23.31 -16.47
N GLY A 134 9.87 -22.86 -15.23
CA GLY A 134 9.97 -21.44 -14.94
C GLY A 134 11.40 -21.08 -14.56
N ALA A 135 11.66 -19.79 -14.37
CA ALA A 135 12.99 -19.27 -14.02
C ALA A 135 12.96 -17.90 -13.35
N SER A 136 13.03 -17.89 -12.03
CA SER A 136 13.09 -16.63 -11.29
C SER A 136 14.43 -16.45 -10.57
N VAL A 137 14.96 -15.23 -10.60
CA VAL A 137 16.13 -14.87 -9.80
C VAL A 137 15.69 -13.85 -8.78
N VAL A 138 16.01 -14.10 -7.52
CA VAL A 138 15.51 -13.28 -6.42
C VAL A 138 16.64 -12.56 -5.74
N CYS A 139 16.38 -11.29 -5.41
CA CYS A 139 17.32 -10.48 -4.66
C CYS A 139 16.68 -9.82 -3.45
N PHE A 140 17.44 -9.84 -2.34
CA PHE A 140 16.94 -9.31 -1.07
C PHE A 140 17.87 -8.21 -0.59
N LEU A 141 17.30 -7.06 -0.27
CA LEU A 141 18.09 -5.94 0.27
C LEU A 141 17.50 -5.51 1.61
N ASN A 142 18.10 -6.07 2.68
CA ASN A 142 17.51 -6.01 4.01
C ASN A 142 18.16 -4.99 4.94
N ASN A 143 17.33 -4.28 5.68
CA ASN A 143 17.78 -3.41 6.77
C ASN A 143 18.62 -2.24 6.30
N PHE A 144 18.03 -1.43 5.44
CA PHE A 144 18.71 -0.22 5.04
C PHE A 144 17.96 1.02 5.53
N TYR A 145 18.65 2.15 5.53
CA TYR A 145 18.07 3.46 5.83
C TYR A 145 18.99 4.54 5.26
N PRO A 146 18.42 5.53 4.53
CA PRO A 146 17.00 5.79 4.33
C PRO A 146 16.40 4.93 3.23
N LYS A 147 15.09 5.11 3.00
CA LYS A 147 14.29 4.21 2.18
C LYS A 147 14.66 4.23 0.70
N ASP A 148 15.23 5.32 0.20
CA ASP A 148 15.52 5.33 -1.22
C ASP A 148 16.76 4.57 -1.64
N ILE A 149 16.59 3.77 -2.69
CA ILE A 149 17.57 2.80 -3.15
C ILE A 149 17.27 2.42 -4.59
N ASN A 150 18.29 2.54 -5.43
CA ASN A 150 18.17 2.13 -6.83
C ASN A 150 18.67 0.71 -6.94
N VAL A 151 17.78 -0.20 -7.38
CA VAL A 151 18.16 -1.59 -7.60
C VAL A 151 18.07 -1.95 -9.08
N LYS A 152 19.15 -2.54 -9.59
CA LYS A 152 19.30 -2.85 -11.01
C LYS A 152 19.63 -4.32 -11.22
N TRP A 153 19.09 -4.89 -12.29
CA TRP A 153 19.37 -6.25 -12.71
C TRP A 153 20.22 -6.30 -13.98
N LYS A 154 21.24 -7.15 -13.97
CA LYS A 154 22.12 -7.27 -15.13
C LYS A 154 22.28 -8.73 -15.53
N ILE A 155 22.06 -8.98 -16.82
CA ILE A 155 22.29 -10.30 -17.38
C ILE A 155 23.41 -10.20 -18.41
N ASP A 156 24.54 -10.86 -18.09
CA ASP A 156 25.75 -10.86 -18.94
C ASP A 156 26.32 -9.46 -19.17
N GLY A 157 25.75 -8.46 -18.51
CA GLY A 157 26.20 -7.07 -18.66
C GLY A 157 25.22 -6.15 -19.36
N SER A 158 24.06 -6.69 -19.74
CA SER A 158 22.95 -5.86 -20.25
C SER A 158 21.93 -5.67 -19.14
N GLU A 159 21.27 -4.53 -19.14
CA GLU A 159 20.32 -4.20 -18.11
C GLU A 159 18.95 -4.77 -18.44
N ARG A 160 18.31 -5.38 -17.46
CA ARG A 160 17.01 -5.99 -17.68
C ARG A 160 15.93 -5.21 -16.93
N GLN A 161 15.04 -4.60 -17.70
CA GLN A 161 13.95 -3.82 -17.13
C GLN A 161 12.67 -4.64 -17.09
N ASN A 162 12.51 -5.53 -18.08
CA ASN A 162 11.35 -6.41 -18.23
C ASN A 162 11.20 -7.48 -17.15
N GLY A 163 9.99 -7.61 -16.62
CA GLY A 163 9.61 -8.73 -15.77
C GLY A 163 10.26 -8.71 -14.41
N VAL A 164 10.37 -7.50 -13.85
CA VAL A 164 10.90 -7.29 -12.50
C VAL A 164 9.73 -7.00 -11.56
N LEU A 165 9.77 -7.61 -10.37
CA LEU A 165 8.78 -7.31 -9.33
C LEU A 165 9.44 -6.92 -8.04
N ASN A 166 9.00 -5.79 -7.50
CA ASN A 166 9.57 -5.27 -6.28
C ASN A 166 8.54 -5.15 -5.16
N SER A 167 9.02 -5.32 -3.93
CA SER A 167 8.15 -5.34 -2.77
C SER A 167 8.96 -4.78 -1.62
N TRP A 168 8.37 -3.83 -0.89
CA TRP A 168 9.00 -3.22 0.25
C TRP A 168 8.23 -3.57 1.50
N THR A 169 8.95 -3.85 2.58
CA THR A 169 8.32 -3.93 3.90
C THR A 169 8.18 -2.51 4.40
N ASP A 170 7.23 -2.28 5.30
CA ASP A 170 7.10 -0.96 5.93
C ASP A 170 8.20 -0.83 6.97
N GLN A 171 8.42 0.40 7.44
CA GLN A 171 9.46 0.69 8.41
C GLN A 171 9.34 -0.22 9.63
N ASP A 172 10.37 -1.04 9.83
CA ASP A 172 10.41 -2.00 10.93
C ASP A 172 10.16 -1.30 12.25
N SER A 173 9.23 -1.83 13.05
CA SER A 173 8.88 -1.19 14.32
C SER A 173 10.01 -1.26 15.32
N LYS A 174 10.83 -2.31 15.21
CA LYS A 174 11.89 -2.54 16.20
C LYS A 174 13.18 -1.75 15.96
N ASP A 175 13.63 -1.66 14.70
CA ASP A 175 14.91 -1.00 14.41
C ASP A 175 14.82 0.18 13.42
N SER A 176 13.61 0.45 12.92
CA SER A 176 13.36 1.57 12.01
C SER A 176 14.02 1.46 10.63
N THR A 177 14.38 0.25 10.23
CA THR A 177 14.91 0.01 8.87
C THR A 177 13.85 -0.49 7.92
N TYR A 178 14.20 -0.43 6.64
CA TYR A 178 13.37 -0.91 5.56
C TYR A 178 14.04 -2.12 4.94
N SER A 179 13.26 -2.95 4.27
CA SER A 179 13.82 -4.05 3.50
C SER A 179 13.08 -4.22 2.19
N MET A 180 13.78 -4.73 1.18
CA MET A 180 13.22 -4.87 -0.14
C MET A 180 13.51 -6.22 -0.77
N SER A 181 12.60 -6.63 -1.66
CA SER A 181 12.70 -7.89 -2.40
C SER A 181 12.48 -7.63 -3.88
N SER A 182 13.43 -8.11 -4.68
CA SER A 182 13.41 -7.98 -6.15
C SER A 182 13.49 -9.34 -6.83
N THR A 183 12.53 -9.60 -7.71
CA THR A 183 12.48 -10.85 -8.46
C THR A 183 12.49 -10.59 -9.97
N LEU A 184 13.47 -11.18 -10.64
CA LEU A 184 13.51 -11.19 -12.10
C LEU A 184 12.94 -12.51 -12.55
N THR A 185 11.86 -12.47 -13.34
CA THR A 185 11.27 -13.70 -13.85
C THR A 185 11.43 -13.81 -15.37
N LEU A 186 12.13 -14.85 -15.79
CA LEU A 186 12.38 -15.14 -17.19
C LEU A 186 11.80 -16.50 -17.50
N THR A 187 11.84 -16.88 -18.78
CA THR A 187 11.47 -18.23 -19.15
C THR A 187 12.71 -19.07 -18.89
N LYS A 188 12.53 -20.38 -18.76
CA LYS A 188 13.65 -21.29 -18.57
C LYS A 188 14.64 -21.16 -19.73
N ASP A 189 14.08 -20.92 -20.92
CA ASP A 189 14.83 -20.84 -22.19
C ASP A 189 15.78 -19.64 -22.15
N GLU A 190 15.27 -18.52 -21.67
CA GLU A 190 16.05 -17.29 -21.61
C GLU A 190 17.09 -17.39 -20.50
N TYR A 191 16.72 -18.03 -19.39
CA TYR A 191 17.66 -18.28 -18.30
C TYR A 191 18.80 -19.21 -18.71
N GLU A 192 18.50 -20.18 -19.58
CA GLU A 192 19.49 -21.18 -20.01
C GLU A 192 20.39 -20.67 -21.13
N ARG A 193 20.01 -19.54 -21.70
CA ARG A 193 20.75 -18.93 -22.78
C ARG A 193 21.66 -17.80 -22.29
N HIS A 194 21.67 -17.53 -20.98
CA HIS A 194 22.62 -16.56 -20.42
C HIS A 194 23.30 -17.15 -19.18
N ASN A 195 24.38 -16.53 -18.74
CA ASN A 195 25.15 -17.12 -17.66
C ASN A 195 25.35 -16.25 -16.42
N SER A 196 25.59 -14.96 -16.63
CA SER A 196 25.91 -14.02 -15.56
C SER A 196 24.67 -13.30 -15.10
N TYR A 197 24.41 -13.38 -13.79
CA TYR A 197 23.24 -12.73 -13.20
C TYR A 197 23.65 -11.85 -12.03
N THR A 198 23.36 -10.56 -12.13
CA THR A 198 23.82 -9.56 -11.17
C THR A 198 22.69 -8.70 -10.63
N CYS A 199 22.48 -8.81 -9.32
CA CYS A 199 21.65 -7.88 -8.58
C CYS A 199 22.57 -6.75 -8.17
N GLU A 200 22.13 -5.52 -8.40
CA GLU A 200 22.98 -4.35 -8.18
C GLU A 200 22.22 -3.19 -7.54
N ALA A 201 22.64 -2.79 -6.35
CA ALA A 201 21.98 -1.74 -5.56
C ALA A 201 22.83 -0.48 -5.41
N THR A 202 22.17 0.67 -5.37
CA THR A 202 22.85 1.93 -5.10
C THR A 202 22.13 2.61 -3.93
N HIS A 203 22.91 3.06 -2.95
CA HIS A 203 22.35 3.65 -1.73
C HIS A 203 23.26 4.76 -1.23
N LYS A 204 22.72 5.64 -0.38
CA LYS A 204 23.46 6.76 0.22
C LYS A 204 24.72 6.31 0.96
N THR A 205 24.71 5.08 1.47
CA THR A 205 25.78 4.56 2.32
C THR A 205 27.06 4.11 1.59
N SER A 206 26.96 3.75 0.31
CA SER A 206 28.15 3.41 -0.47
C SER A 206 28.28 4.35 -1.64
N THR A 207 29.51 4.77 -1.92
CA THR A 207 29.76 5.67 -3.04
C THR A 207 29.65 4.93 -4.37
N SER A 208 29.82 3.61 -4.33
CA SER A 208 29.70 2.78 -5.52
C SER A 208 28.76 1.58 -5.31
N PRO A 209 28.23 1.01 -6.40
CA PRO A 209 27.12 0.06 -6.21
C PRO A 209 27.50 -1.22 -5.47
N ILE A 210 26.54 -1.77 -4.73
CA ILE A 210 26.69 -3.08 -4.14
C ILE A 210 26.30 -4.11 -5.20
N VAL A 211 27.24 -4.99 -5.54
CA VAL A 211 27.04 -6.00 -6.56
C VAL A 211 27.02 -7.40 -5.96
N LYS A 212 25.92 -8.10 -6.19
CA LYS A 212 25.86 -9.54 -5.93
C LYS A 212 25.54 -10.24 -7.23
N SER A 213 26.31 -11.28 -7.52
CA SER A 213 26.07 -12.08 -8.73
C SER A 213 26.43 -13.55 -8.58
N PHE A 214 26.09 -14.33 -9.61
CA PHE A 214 26.53 -15.72 -9.73
C PHE A 214 26.58 -16.09 -11.22
N ASN A 215 27.20 -17.22 -11.54
CA ASN A 215 27.15 -17.78 -12.88
C ASN A 215 26.37 -19.06 -12.85
N ARG A 216 25.31 -19.09 -13.66
CA ARG A 216 24.39 -20.23 -13.76
C ARG A 216 25.11 -21.57 -13.83
N ASN A 217 26.04 -21.69 -14.79
CA ASN A 217 26.74 -22.94 -15.10
C ASN A 217 27.50 -23.57 -13.93
N GLU A 218 27.74 -22.79 -12.88
CA GLU A 218 28.54 -23.25 -11.73
C GLU A 218 27.69 -23.60 -10.53
N YCM A 219 26.39 -23.27 -10.59
CA YCM A 219 25.41 -23.65 -9.56
CB YCM A 219 24.00 -23.15 -9.86
SG YCM A 219 23.81 -21.38 -9.85
CD YCM A 219 24.28 -20.69 -8.30
CE YCM A 219 25.76 -20.39 -8.22
OZ1 YCM A 219 26.42 -20.14 -9.21
NZ2 YCM A 219 26.28 -20.43 -7.00
C YCM A 219 25.39 -25.16 -9.44
O YCM A 219 25.83 -25.88 -10.35
OXT YCM A 219 24.95 -25.71 -8.43
N GLN B 1 -25.41 7.02 18.54
CA GLN B 1 -24.06 6.97 17.89
C GLN B 1 -24.14 6.93 16.35
N VAL B 2 -23.26 7.70 15.69
CA VAL B 2 -23.13 7.62 14.23
C VAL B 2 -22.22 6.46 13.86
N THR B 3 -22.71 5.59 12.99
CA THR B 3 -21.89 4.51 12.41
C THR B 3 -22.20 4.32 10.94
N LEU B 4 -21.19 3.92 10.18
CA LEU B 4 -21.37 3.57 8.77
C LEU B 4 -20.80 2.17 8.50
N LYS B 5 -21.49 1.39 7.68
CA LYS B 5 -21.04 0.01 7.39
C LYS B 5 -21.10 -0.30 5.90
N GLU B 6 -19.96 -0.66 5.32
CA GLU B 6 -19.94 -1.03 3.91
C GLU B 6 -20.01 -2.56 3.76
N SER B 7 -20.71 -2.98 2.72
CA SER B 7 -20.67 -4.37 2.35
C SER B 7 -20.48 -4.43 0.86
N GLY B 8 -19.62 -5.37 0.44
CA GLY B 8 -19.32 -5.63 -0.95
C GLY B 8 -19.08 -7.12 -1.13
N PRO B 9 -18.76 -7.55 -2.36
CA PRO B 9 -18.63 -8.97 -2.70
C PRO B 9 -17.21 -9.53 -2.55
N GLY B 10 -16.23 -8.67 -2.27
CA GLY B 10 -14.85 -9.07 -2.00
C GLY B 10 -14.04 -9.33 -3.26
N ILE B 11 -14.55 -10.22 -4.10
CA ILE B 11 -13.91 -10.56 -5.37
C ILE B 11 -14.94 -10.48 -6.51
N LEU B 12 -14.49 -9.94 -7.64
CA LEU B 12 -15.27 -9.96 -8.87
C LEU B 12 -14.30 -9.81 -10.05
N LYS B 13 -14.74 -10.18 -11.24
CA LYS B 13 -13.84 -10.21 -12.40
C LYS B 13 -14.01 -8.94 -13.27
N PRO B 14 -13.08 -8.73 -14.23
CA PRO B 14 -13.21 -7.59 -15.15
C PRO B 14 -14.44 -7.71 -16.03
N SER B 15 -14.94 -6.56 -16.50
CA SER B 15 -16.22 -6.43 -17.24
C SER B 15 -17.45 -6.38 -16.32
N GLN B 16 -17.41 -7.15 -15.23
CA GLN B 16 -18.52 -7.24 -14.29
C GLN B 16 -18.82 -5.92 -13.58
N THR B 17 -19.98 -5.88 -12.91
CA THR B 17 -20.53 -4.68 -12.25
C THR B 17 -20.36 -4.74 -10.73
N LEU B 18 -19.72 -3.73 -10.13
CA LEU B 18 -19.62 -3.67 -8.67
C LEU B 18 -20.83 -3.04 -7.96
N SER B 19 -21.52 -3.80 -7.12
CA SER B 19 -22.57 -3.25 -6.24
C SER B 19 -22.08 -3.14 -4.80
N LEU B 20 -22.00 -1.90 -4.28
CA LEU B 20 -21.59 -1.70 -2.90
C LEU B 20 -22.71 -1.09 -2.08
N THR B 21 -22.97 -1.65 -0.90
CA THR B 21 -23.93 -1.08 0.04
C THR B 21 -23.24 -0.29 1.16
N CYS B 22 -23.90 0.76 1.65
CA CYS B 22 -23.53 1.36 2.93
C CYS B 22 -24.75 1.49 3.84
N SER B 23 -24.59 1.17 5.11
CA SER B 23 -25.71 1.17 6.04
C SER B 23 -25.41 2.01 7.27
N PHE B 24 -26.02 3.18 7.32
CA PHE B 24 -25.71 4.10 8.39
C PHE B 24 -26.72 4.06 9.51
N SER B 25 -26.40 4.77 10.58
CA SER B 25 -27.35 5.01 11.65
C SER B 25 -26.76 6.08 12.54
N GLY B 26 -27.64 6.80 13.24
CA GLY B 26 -27.23 7.93 14.06
C GLY B 26 -27.67 9.24 13.45
N PHE B 27 -28.03 9.16 12.16
CA PHE B 27 -28.59 10.28 11.44
C PHE B 27 -29.51 9.73 10.35
N SER B 28 -30.33 10.61 9.79
CA SER B 28 -31.19 10.28 8.67
C SER B 28 -30.70 11.05 7.45
N LEU B 29 -30.75 10.40 6.29
CA LEU B 29 -30.48 11.09 5.04
C LEU B 29 -31.60 12.10 4.66
N SER B 30 -32.83 11.82 5.11
CA SER B 30 -33.97 12.74 4.97
C SER B 30 -33.70 14.19 5.49
N THR B 31 -32.91 14.31 6.55
CA THR B 31 -32.52 15.61 7.13
C THR B 31 -31.98 16.53 6.05
N SER B 32 -32.52 17.75 6.00
CA SER B 32 -32.12 18.76 5.04
C SER B 32 -30.68 19.16 5.31
N GLY B 33 -29.84 19.10 4.27
CA GLY B 33 -28.40 19.36 4.39
C GLY B 33 -27.51 18.12 4.45
N MET B 34 -28.08 16.99 4.87
CA MET B 34 -27.35 15.73 4.99
C MET B 34 -26.87 15.15 3.65
N GLY B 35 -25.76 14.43 3.69
CA GLY B 35 -25.18 13.76 2.51
C GLY B 35 -24.25 12.60 2.85
N VAL B 36 -24.19 11.62 1.96
CA VAL B 36 -23.32 10.47 2.18
C VAL B 36 -22.58 10.12 0.88
N GLY B 37 -21.32 9.68 1.00
CA GLY B 37 -20.48 9.48 -0.15
C GLY B 37 -19.53 8.29 -0.11
N TRP B 38 -18.86 8.06 -1.23
CA TRP B 38 -17.88 7.02 -1.37
C TRP B 38 -16.53 7.59 -1.77
N ILE B 39 -15.52 7.11 -1.07
CA ILE B 39 -14.12 7.41 -1.34
C ILE B 39 -13.45 6.05 -1.30
N ARG B 40 -12.38 5.89 -2.09
CA ARG B 40 -11.65 4.64 -2.13
C ARG B 40 -10.14 4.84 -2.09
N GLN B 41 -9.43 3.75 -1.86
CA GLN B 41 -7.98 3.76 -1.83
C GLN B 41 -7.45 2.45 -2.39
N PRO B 42 -6.85 2.49 -3.60
CA PRO B 42 -6.19 1.27 -4.10
C PRO B 42 -5.05 0.85 -3.15
N SER B 43 -4.60 -0.40 -3.26
CA SER B 43 -3.61 -0.97 -2.34
C SER B 43 -2.34 -0.10 -2.25
N GLY B 44 -2.01 0.32 -1.02
CA GLY B 44 -0.89 1.23 -0.76
C GLY B 44 -0.83 2.39 -1.75
N LYS B 45 -1.94 3.12 -1.87
CA LYS B 45 -2.06 4.17 -2.87
C LYS B 45 -2.84 5.34 -2.29
N GLY B 46 -3.06 6.38 -3.07
CA GLY B 46 -3.74 7.58 -2.58
C GLY B 46 -5.18 7.39 -2.12
N LEU B 47 -5.88 8.51 -1.90
CA LEU B 47 -7.30 8.46 -1.64
C LEU B 47 -8.01 9.14 -2.80
N GLU B 48 -8.91 8.40 -3.43
CA GLU B 48 -9.61 8.92 -4.59
C GLU B 48 -11.05 9.11 -4.20
N TRP B 49 -11.57 10.30 -4.47
CA TRP B 49 -13.00 10.54 -4.29
C TRP B 49 -13.81 9.95 -5.45
N LEU B 50 -14.95 9.35 -5.12
CA LEU B 50 -15.80 8.70 -6.13
C LEU B 50 -17.11 9.45 -6.43
N ALA B 51 -17.98 9.53 -5.42
CA ALA B 51 -19.28 10.20 -5.58
C ALA B 51 -19.88 10.64 -4.24
N HIS B 52 -20.83 11.59 -4.30
CA HIS B 52 -21.62 11.99 -3.16
C HIS B 52 -23.08 12.11 -3.60
N ILE B 53 -24.00 11.77 -2.70
CA ILE B 53 -25.43 11.98 -2.93
C ILE B 53 -26.01 12.83 -1.81
N TRP B 54 -26.91 13.73 -2.17
CA TRP B 54 -27.57 14.59 -1.20
C TRP B 54 -28.98 14.13 -0.87
N TRP B 55 -29.38 14.45 0.36
CA TRP B 55 -30.72 14.25 0.88
C TRP B 55 -31.85 14.55 -0.12
N ASP B 56 -31.68 15.62 -0.91
CA ASP B 56 -32.69 16.00 -1.90
C ASP B 56 -32.42 15.43 -3.30
N ASP B 57 -31.79 14.24 -3.34
CA ASP B 57 -31.56 13.43 -4.56
C ASP B 57 -30.48 13.98 -5.48
N ASP B 58 -29.94 15.12 -5.10
CA ASP B 58 -28.90 15.79 -5.89
C ASP B 58 -27.64 14.95 -5.79
N ARG B 59 -26.83 14.96 -6.86
CA ARG B 59 -25.68 14.04 -6.96
C ARG B 59 -24.45 14.74 -7.49
N SER B 60 -23.30 14.34 -6.94
CA SER B 60 -22.02 14.79 -7.44
C SER B 60 -21.19 13.57 -7.81
N TYR B 61 -20.40 13.68 -8.89
CA TYR B 61 -19.58 12.56 -9.40
C TYR B 61 -18.19 12.98 -9.79
N ASN B 62 -17.29 12.01 -9.81
CA ASN B 62 -15.96 12.22 -10.33
C ASN B 62 -15.95 12.04 -11.85
N PRO B 63 -15.67 13.12 -12.61
CA PRO B 63 -15.62 13.14 -14.08
C PRO B 63 -14.98 11.91 -14.77
N SER B 64 -13.82 11.47 -14.28
CA SER B 64 -13.09 10.31 -14.85
C SER B 64 -13.92 9.01 -14.87
N LEU B 65 -14.75 8.86 -13.86
CA LEU B 65 -15.47 7.61 -13.62
C LEU B 65 -16.97 7.79 -13.81
N LYS B 66 -17.39 9.03 -14.06
CA LYS B 66 -18.79 9.41 -14.31
C LYS B 66 -19.54 8.39 -15.16
N SER B 67 -18.94 7.99 -16.29
CA SER B 67 -19.58 7.03 -17.19
C SER B 67 -19.68 5.60 -16.60
N GLN B 68 -19.11 5.38 -15.41
CA GLN B 68 -19.14 4.05 -14.79
C GLN B 68 -19.90 4.03 -13.47
N LEU B 69 -20.10 5.21 -12.88
CA LEU B 69 -20.68 5.33 -11.52
C LEU B 69 -22.19 5.56 -11.49
N THR B 70 -22.85 4.98 -10.48
CA THR B 70 -24.23 5.34 -10.19
C THR B 70 -24.47 5.22 -8.70
N ILE B 71 -24.49 6.37 -8.03
CA ILE B 71 -24.80 6.42 -6.61
C ILE B 71 -26.31 6.57 -6.44
N SER B 72 -26.87 5.83 -5.49
CA SER B 72 -28.29 5.91 -5.19
C SER B 72 -28.53 5.68 -3.70
N LYS B 73 -29.76 5.93 -3.26
CA LYS B 73 -30.07 5.83 -1.84
C LYS B 73 -31.37 5.07 -1.53
N ASP B 74 -31.65 4.95 -0.23
CA ASP B 74 -32.91 4.46 0.28
C ASP B 74 -32.98 4.96 1.71
N ALA B 75 -33.44 6.20 1.86
CA ALA B 75 -33.45 6.86 3.15
C ALA B 75 -34.44 6.23 4.13
N ALA B 76 -35.41 5.50 3.63
CA ALA B 76 -36.34 4.79 4.52
C ALA B 76 -35.65 3.60 5.20
N ARG B 77 -34.62 3.05 4.54
CA ARG B 77 -33.88 1.89 5.05
C ARG B 77 -32.48 2.22 5.60
N ASN B 78 -32.11 3.50 5.59
CA ASN B 78 -30.77 3.95 5.99
C ASN B 78 -29.67 3.29 5.18
N GLN B 79 -29.69 3.49 3.86
CA GLN B 79 -28.76 2.84 2.95
C GLN B 79 -28.36 3.74 1.77
N VAL B 80 -27.08 3.68 1.42
CA VAL B 80 -26.61 4.30 0.19
C VAL B 80 -25.94 3.19 -0.63
N PHE B 81 -26.10 3.30 -1.94
CA PHE B 81 -25.55 2.33 -2.86
C PHE B 81 -24.67 3.04 -3.85
N LEU B 82 -23.78 2.28 -4.47
CA LEU B 82 -22.95 2.76 -5.55
C LEU B 82 -22.63 1.59 -6.47
N ARG B 83 -22.96 1.76 -7.75
CA ARG B 83 -22.60 0.80 -8.77
C ARG B 83 -21.43 1.30 -9.62
N ILE B 84 -20.48 0.40 -9.91
CA ILE B 84 -19.44 0.66 -10.90
C ILE B 84 -19.49 -0.42 -11.96
N THR B 85 -19.78 0.01 -13.18
CA THR B 85 -19.88 -0.87 -14.33
C THR B 85 -18.50 -1.07 -14.94
N SER B 86 -18.29 -2.22 -15.59
CA SER B 86 -17.07 -2.53 -16.35
C SER B 86 -15.78 -2.41 -15.54
N VAL B 87 -15.74 -3.02 -14.37
CA VAL B 87 -14.52 -2.94 -13.56
C VAL B 87 -13.33 -3.58 -14.28
N ASP B 88 -12.15 -3.36 -13.72
CA ASP B 88 -10.93 -4.02 -14.17
C ASP B 88 -9.98 -4.00 -12.97
N THR B 89 -8.77 -4.56 -13.11
CA THR B 89 -7.85 -4.64 -11.98
C THR B 89 -7.72 -3.27 -11.31
N ALA B 90 -7.50 -2.24 -12.13
CA ALA B 90 -7.41 -0.86 -11.67
C ALA B 90 -8.24 -0.61 -10.42
N ASP B 91 -9.50 -1.02 -10.47
CA ASP B 91 -10.50 -0.70 -9.45
C ASP B 91 -10.34 -1.42 -8.11
N THR B 92 -9.49 -2.45 -8.08
CA THR B 92 -9.10 -3.11 -6.83
C THR B 92 -8.67 -2.03 -5.83
N ALA B 93 -9.47 -1.89 -4.78
CA ALA B 93 -9.27 -0.83 -3.80
C ALA B 93 -9.95 -1.20 -2.48
N THR B 94 -9.77 -0.35 -1.48
CA THR B 94 -10.64 -0.40 -0.32
C THR B 94 -11.64 0.69 -0.55
N TYR B 95 -12.92 0.36 -0.37
CA TYR B 95 -14.00 1.32 -0.55
C TYR B 95 -14.54 1.85 0.78
N TYR B 96 -14.58 3.18 0.91
CA TYR B 96 -15.08 3.82 2.12
C TYR B 96 -16.40 4.56 1.90
N CYS B 97 -17.30 4.39 2.86
CA CYS B 97 -18.51 5.20 2.99
C CYS B 97 -18.20 6.35 3.93
N VAL B 98 -18.59 7.56 3.55
CA VAL B 98 -18.35 8.73 4.38
C VAL B 98 -19.61 9.59 4.49
N ARG B 99 -19.76 10.27 5.62
CA ARG B 99 -20.82 11.24 5.79
C ARG B 99 -20.29 12.65 5.57
N ARG B 100 -21.04 13.44 4.82
CA ARG B 100 -20.68 14.85 4.64
C ARG B 100 -21.93 15.68 4.37
N ALA B 101 -22.08 16.75 5.16
CA ALA B 101 -23.17 17.70 4.99
C ALA B 101 -22.70 18.94 4.20
N HIS B 102 -23.65 19.73 3.68
CA HIS B 102 -23.29 20.99 3.03
C HIS B 102 -23.70 22.20 3.86
N THR B 103 -24.11 21.94 5.10
CA THR B 103 -24.37 22.99 6.07
C THR B 103 -23.43 22.84 7.26
N THR B 104 -23.10 23.96 7.87
CA THR B 104 -22.12 23.98 8.95
C THR B 104 -22.59 23.15 10.13
N VAL B 105 -23.76 23.48 10.66
CA VAL B 105 -24.29 22.83 11.87
C VAL B 105 -24.48 21.32 11.75
N LEU B 106 -24.38 20.80 10.54
CA LEU B 106 -24.56 19.37 10.32
C LEU B 106 -23.23 18.65 10.15
N GLY B 107 -22.17 19.43 9.94
CA GLY B 107 -20.82 18.88 9.82
C GLY B 107 -20.31 18.80 8.40
N ASP B 108 -19.84 19.94 7.89
CA ASP B 108 -19.31 20.03 6.54
C ASP B 108 -17.84 19.59 6.53
N TRP B 109 -17.64 18.26 6.47
CA TRP B 109 -16.32 17.65 6.56
C TRP B 109 -16.43 16.11 6.49
N PHE B 110 -15.31 15.43 6.26
CA PHE B 110 -15.33 13.97 6.33
C PHE B 110 -14.92 13.50 7.73
N ALA B 111 -15.82 13.65 8.68
CA ALA B 111 -15.56 13.22 10.06
C ALA B 111 -15.73 11.71 10.17
N TYR B 112 -16.86 11.23 9.66
CA TYR B 112 -17.26 9.84 9.83
C TYR B 112 -16.90 9.01 8.62
N TRP B 113 -16.17 7.92 8.87
CA TRP B 113 -15.81 6.95 7.86
C TRP B 113 -16.21 5.59 8.40
N GLY B 114 -16.55 4.65 7.52
CA GLY B 114 -16.68 3.26 7.92
C GLY B 114 -15.32 2.61 7.99
N GLN B 115 -15.32 1.35 8.46
CA GLN B 115 -14.14 0.49 8.44
C GLN B 115 -13.66 0.30 7.00
N GLY B 116 -14.60 0.31 6.06
CA GLY B 116 -14.28 0.10 4.66
C GLY B 116 -14.31 -1.36 4.22
N THR B 117 -14.47 -1.58 2.91
CA THR B 117 -14.62 -2.91 2.35
C THR B 117 -13.60 -3.17 1.24
N LEU B 118 -12.96 -4.33 1.29
CA LEU B 118 -11.95 -4.70 0.30
C LEU B 118 -12.62 -5.31 -0.93
N VAL B 119 -12.25 -4.78 -2.09
CA VAL B 119 -12.76 -5.24 -3.37
C VAL B 119 -11.53 -5.48 -4.25
N THR B 120 -11.39 -6.76 -4.63
CA THR B 120 -10.34 -7.24 -5.50
C THR B 120 -10.97 -7.56 -6.85
N VAL B 121 -10.45 -6.95 -7.91
CA VAL B 121 -10.91 -7.25 -9.26
C VAL B 121 -9.82 -8.06 -9.97
N SER B 122 -10.07 -9.36 -10.09
CA SER B 122 -9.15 -10.25 -10.79
C SER B 122 -9.86 -11.27 -11.66
N ALA B 123 -9.20 -11.64 -12.77
CA ALA B 123 -9.70 -12.61 -13.74
C ALA B 123 -9.44 -14.07 -13.33
N ALA B 124 -8.60 -14.23 -12.30
CA ALA B 124 -8.02 -15.52 -11.96
C ALA B 124 -8.98 -16.55 -11.32
N LYS B 125 -8.79 -17.81 -11.70
CA LYS B 125 -9.37 -18.94 -10.98
C LYS B 125 -8.47 -19.21 -9.78
N THR B 126 -9.05 -19.65 -8.67
CA THR B 126 -8.24 -20.06 -7.51
C THR B 126 -7.05 -20.87 -8.03
N THR B 127 -5.86 -20.51 -7.58
CA THR B 127 -4.64 -21.16 -8.02
C THR B 127 -3.71 -21.42 -6.84
N ALA B 128 -3.31 -22.68 -6.69
CA ALA B 128 -2.34 -23.07 -5.69
C ALA B 128 -0.97 -22.46 -6.03
N PRO B 129 -0.28 -21.92 -5.00
CA PRO B 129 1.07 -21.41 -5.20
C PRO B 129 2.09 -22.49 -5.54
N SER B 130 3.25 -22.03 -6.00
CA SER B 130 4.35 -22.90 -6.31
C SER B 130 5.44 -22.46 -5.32
N VAL B 131 5.82 -23.35 -4.40
CA VAL B 131 6.74 -22.97 -3.32
C VAL B 131 8.16 -23.37 -3.64
N TYR B 132 9.04 -22.38 -3.78
CA TYR B 132 10.42 -22.65 -4.19
C TYR B 132 11.44 -22.31 -3.10
N PRO B 133 12.35 -23.26 -2.80
CA PRO B 133 13.42 -23.03 -1.85
C PRO B 133 14.47 -22.16 -2.49
N LEU B 134 15.17 -21.37 -1.70
CA LEU B 134 16.21 -20.50 -2.24
C LEU B 134 17.46 -20.64 -1.39
N ALA B 135 18.42 -21.43 -1.88
CA ALA B 135 19.67 -21.69 -1.17
C ALA B 135 20.72 -20.65 -1.56
N PRO B 136 21.65 -20.33 -0.64
CA PRO B 136 22.75 -19.45 -0.98
C PRO B 136 23.56 -19.95 -2.18
N VAL B 137 24.28 -19.04 -2.82
CA VAL B 137 25.17 -19.37 -3.92
C VAL B 137 26.56 -19.85 -3.45
N YCM B 138 27.43 -20.19 -4.40
CA YCM B 138 28.68 -20.92 -4.12
CB YCM B 138 29.15 -21.62 -5.41
SG YCM B 138 28.11 -23.01 -5.74
CD YCM B 138 28.89 -24.51 -5.22
CE YCM B 138 28.22 -25.64 -5.96
OZ1 YCM B 138 28.87 -26.61 -6.34
NZ2 YCM B 138 26.90 -25.51 -6.14
C YCM B 138 29.77 -20.04 -3.56
O YCM B 138 29.96 -18.90 -4.01
N GLY B 139 30.52 -20.58 -2.59
CA GLY B 139 31.62 -19.87 -1.94
C GLY B 139 31.13 -18.78 -1.00
N SER B 145 26.82 -14.32 8.67
CA SER B 145 25.50 -14.90 8.88
C SER B 145 24.74 -15.14 7.58
N VAL B 146 24.69 -16.42 7.17
CA VAL B 146 23.99 -16.86 5.94
C VAL B 146 22.51 -16.44 5.94
N THR B 147 21.98 -16.24 4.74
CA THR B 147 20.58 -15.86 4.51
C THR B 147 19.91 -16.83 3.55
N LEU B 148 18.74 -17.34 3.94
CA LEU B 148 17.95 -18.23 3.09
C LEU B 148 16.67 -17.52 2.68
N GLY B 149 15.99 -18.06 1.68
CA GLY B 149 14.78 -17.44 1.17
C GLY B 149 13.77 -18.44 0.67
N CYS B 150 12.53 -17.96 0.52
CA CYS B 150 11.44 -18.76 -0.02
C CYS B 150 10.64 -17.93 -1.01
N LEU B 151 10.44 -18.48 -2.20
CA LEU B 151 9.61 -17.82 -3.19
C LEU B 151 8.30 -18.55 -3.34
N VAL B 152 7.21 -17.85 -3.05
CA VAL B 152 5.86 -18.36 -3.23
C VAL B 152 5.23 -17.68 -4.45
N LYS B 153 5.03 -18.44 -5.52
CA LYS B 153 4.81 -17.84 -6.83
C LYS B 153 3.48 -18.20 -7.50
N GLY B 154 2.77 -17.16 -7.92
CA GLY B 154 1.59 -17.30 -8.77
C GLY B 154 0.35 -17.87 -8.11
N TYR B 155 -0.10 -17.23 -7.04
CA TYR B 155 -1.26 -17.74 -6.29
C TYR B 155 -2.45 -16.78 -6.23
N PHE B 156 -3.65 -17.34 -6.18
CA PHE B 156 -4.87 -16.56 -6.05
C PHE B 156 -5.94 -17.33 -5.27
N PRO B 157 -6.63 -16.65 -4.34
CA PRO B 157 -6.37 -15.31 -3.83
C PRO B 157 -5.44 -15.26 -2.60
N GLU B 158 -5.29 -14.07 -2.03
CA GLU B 158 -4.69 -13.88 -0.70
C GLU B 158 -5.60 -14.54 0.36
N PRO B 159 -5.02 -14.95 1.50
CA PRO B 159 -3.62 -14.90 1.82
C PRO B 159 -2.93 -16.27 1.84
N VAL B 160 -1.62 -16.20 2.03
CA VAL B 160 -0.81 -17.37 2.33
C VAL B 160 -0.25 -17.14 3.70
N THR B 161 0.00 -18.22 4.44
CA THR B 161 0.75 -18.10 5.69
C THR B 161 2.15 -18.66 5.46
N LEU B 162 3.14 -17.93 5.97
CA LEU B 162 4.51 -18.37 5.84
C LEU B 162 5.24 -18.37 7.18
N THR B 163 5.87 -19.50 7.51
CA THR B 163 6.69 -19.61 8.71
C THR B 163 7.97 -20.40 8.42
N TRP B 164 8.98 -20.16 9.24
CA TRP B 164 10.22 -20.91 9.17
C TRP B 164 10.26 -21.82 10.39
N ASN B 165 10.53 -23.11 10.16
CA ASN B 165 10.37 -24.18 11.15
C ASN B 165 9.07 -24.08 11.94
N SER B 166 7.96 -24.05 11.21
CA SER B 166 6.61 -24.00 11.83
C SER B 166 6.48 -22.85 12.84
N GLY B 167 7.30 -21.80 12.66
CA GLY B 167 7.29 -20.66 13.56
C GLY B 167 8.46 -20.58 14.50
N SER B 168 9.18 -21.71 14.66
CA SER B 168 10.36 -21.83 15.56
C SER B 168 11.41 -20.74 15.36
N LEU B 169 11.36 -20.09 14.21
CA LEU B 169 12.34 -19.08 13.87
C LEU B 169 11.61 -17.82 13.41
N SER B 170 11.67 -16.77 14.25
CA SER B 170 11.07 -15.44 13.96
C SER B 170 12.13 -14.34 13.89
N SER B 171 13.22 -14.51 14.63
CA SER B 171 14.38 -13.61 14.56
C SER B 171 14.90 -13.59 13.13
N GLY B 172 15.18 -12.37 12.64
CA GLY B 172 15.71 -12.14 11.31
C GLY B 172 14.81 -12.68 10.21
N VAL B 173 13.50 -12.57 10.40
CA VAL B 173 12.57 -12.86 9.33
C VAL B 173 12.09 -11.57 8.67
N HIS B 174 12.17 -11.56 7.35
CA HIS B 174 11.54 -10.52 6.56
C HIS B 174 10.59 -11.19 5.60
N THR B 175 9.30 -10.92 5.74
CA THR B 175 8.32 -11.43 4.80
C THR B 175 7.73 -10.28 4.04
N PHE B 176 7.80 -10.36 2.71
CA PHE B 176 7.45 -9.23 1.87
C PHE B 176 6.02 -9.34 1.35
N PRO B 177 5.34 -8.19 1.26
CA PRO B 177 3.96 -8.12 0.82
C PRO B 177 3.83 -8.62 -0.60
N ALA B 178 2.74 -9.35 -0.87
CA ALA B 178 2.49 -9.92 -2.17
C ALA B 178 2.20 -8.83 -3.18
N VAL B 179 2.57 -9.09 -4.45
CA VAL B 179 2.25 -8.20 -5.56
C VAL B 179 1.77 -9.04 -6.74
N LEU B 180 0.78 -8.54 -7.47
CA LEU B 180 0.14 -9.28 -8.57
C LEU B 180 1.02 -9.57 -9.79
N ASP B 183 -2.48 -11.93 -13.55
CA ASP B 183 -3.58 -11.89 -12.60
C ASP B 183 -3.30 -12.53 -11.23
N LEU B 184 -2.04 -12.91 -10.98
CA LEU B 184 -1.69 -13.74 -9.81
C LEU B 184 -0.69 -13.06 -8.88
N TYR B 185 -0.70 -13.47 -7.61
CA TYR B 185 0.18 -12.93 -6.58
C TYR B 185 1.47 -13.74 -6.45
N THR B 186 2.55 -13.05 -6.08
CA THR B 186 3.82 -13.69 -5.76
C THR B 186 4.38 -13.13 -4.44
N LEU B 187 5.06 -13.98 -3.68
CA LEU B 187 5.52 -13.63 -2.35
C LEU B 187 6.92 -14.18 -2.07
N SER B 188 7.67 -13.50 -1.22
CA SER B 188 9.01 -13.95 -0.85
C SER B 188 9.33 -13.64 0.61
N SER B 189 10.17 -14.49 1.21
CA SER B 189 10.59 -14.29 2.60
C SER B 189 12.07 -14.60 2.77
N SER B 190 12.73 -13.83 3.63
CA SER B 190 14.14 -14.06 3.89
C SER B 190 14.32 -14.39 5.36
N VAL B 191 15.29 -15.24 5.63
CA VAL B 191 15.65 -15.55 6.99
C VAL B 191 17.17 -15.50 7.12
N THR B 192 17.65 -14.79 8.14
CA THR B 192 19.10 -14.69 8.35
C THR B 192 19.53 -15.34 9.67
N VAL B 193 20.28 -16.42 9.54
CA VAL B 193 20.71 -17.17 10.68
C VAL B 193 22.22 -17.12 10.80
N THR B 194 22.72 -17.34 12.01
CA THR B 194 24.16 -17.34 12.25
C THR B 194 24.86 -18.35 11.32
N SER B 195 26.04 -17.99 10.84
CA SER B 195 26.72 -18.78 9.81
C SER B 195 27.04 -20.23 10.19
N SER B 196 27.01 -20.55 11.48
CA SER B 196 27.27 -21.93 11.94
C SER B 196 26.01 -22.79 12.04
N THR B 197 24.84 -22.16 12.20
CA THR B 197 23.53 -22.83 12.31
C THR B 197 23.21 -23.73 11.11
N TRP B 198 23.43 -23.18 9.91
CA TRP B 198 23.05 -23.79 8.65
C TRP B 198 24.33 -24.00 7.87
N PRO B 199 24.45 -25.12 7.12
CA PRO B 199 23.46 -26.17 6.83
C PRO B 199 23.22 -27.22 7.91
N SER B 200 24.10 -27.34 8.90
CA SER B 200 24.00 -28.42 9.91
C SER B 200 22.56 -28.63 10.46
N GLN B 201 22.07 -27.70 11.27
CA GLN B 201 20.66 -27.75 11.69
C GLN B 201 19.76 -27.50 10.48
N SER B 202 18.70 -28.29 10.34
CA SER B 202 17.74 -28.15 9.23
C SER B 202 16.96 -26.84 9.33
N ILE B 203 16.67 -26.23 8.18
CA ILE B 203 15.77 -25.07 8.11
C ILE B 203 14.70 -25.26 7.04
N THR B 204 13.44 -25.22 7.46
CA THR B 204 12.35 -25.49 6.54
C THR B 204 11.36 -24.33 6.43
N CYS B 205 10.94 -24.08 5.19
CA CYS B 205 9.95 -23.09 4.84
C CYS B 205 8.55 -23.73 4.82
N ASN B 206 7.63 -23.23 5.65
CA ASN B 206 6.28 -23.78 5.75
C ASN B 206 5.24 -22.83 5.19
N VAL B 207 4.56 -23.25 4.12
CA VAL B 207 3.62 -22.37 3.43
C VAL B 207 2.23 -22.98 3.29
N ALA B 208 1.22 -22.22 3.68
CA ALA B 208 -0.17 -22.63 3.53
C ALA B 208 -0.88 -21.67 2.59
N HIS B 209 -1.78 -22.20 1.77
CA HIS B 209 -2.71 -21.39 0.98
C HIS B 209 -4.12 -21.92 1.16
N PRO B 210 -4.77 -21.52 2.27
CA PRO B 210 -6.08 -22.01 2.66
C PRO B 210 -7.03 -22.19 1.49
N ALA B 211 -7.08 -21.23 0.57
CA ALA B 211 -8.12 -21.24 -0.46
C ALA B 211 -8.10 -22.49 -1.34
N SER B 212 -6.93 -23.09 -1.51
CA SER B 212 -6.79 -24.21 -2.43
C SER B 212 -6.40 -25.48 -1.71
N SER B 213 -6.44 -25.43 -0.38
CA SER B 213 -6.06 -26.53 0.52
C SER B 213 -4.56 -26.82 0.47
N THR B 214 -3.79 -25.83 0.04
CA THR B 214 -2.35 -26.00 -0.06
C THR B 214 -1.69 -25.87 1.31
N LYS B 215 -0.87 -26.87 1.64
CA LYS B 215 0.19 -26.72 2.65
C LYS B 215 1.44 -27.42 2.13
N VAL B 216 2.57 -26.71 2.19
CA VAL B 216 3.82 -27.20 1.63
C VAL B 216 4.95 -26.89 2.61
N ASP B 217 5.81 -27.87 2.86
CA ASP B 217 7.02 -27.66 3.67
C ASP B 217 8.27 -27.88 2.80
N LYS B 218 9.02 -26.82 2.52
CA LYS B 218 10.26 -26.93 1.72
C LYS B 218 11.52 -26.74 2.55
N LYS B 219 12.25 -27.85 2.72
CA LYS B 219 13.56 -27.79 3.35
C LYS B 219 14.47 -27.05 2.39
N ILE B 220 15.25 -26.12 2.92
CA ILE B 220 16.23 -25.40 2.11
C ILE B 220 17.51 -26.22 2.09
N GLU B 221 17.88 -26.67 0.90
CA GLU B 221 18.96 -27.64 0.77
C GLU B 221 20.25 -26.97 0.26
N PRO B 222 21.39 -27.22 0.95
CA PRO B 222 22.68 -26.66 0.57
C PRO B 222 23.08 -27.10 -0.83
N ARG B 223 23.72 -26.22 -1.59
CA ARG B 223 24.14 -26.58 -2.93
C ARG B 223 25.35 -27.50 -2.87
N GLY B 224 25.32 -28.54 -3.70
CA GLY B 224 26.39 -29.53 -3.79
C GLY B 224 27.14 -29.43 -5.11
N PRO B 225 28.09 -30.35 -5.35
CA PRO B 225 28.88 -30.24 -6.61
C PRO B 225 28.17 -30.83 -7.83
N THR B 226 26.88 -31.08 -7.70
CA THR B 226 26.17 -32.01 -8.59
C THR B 226 24.69 -31.63 -8.78
N GLU C 3 -18.92 24.21 -8.97
CA GLU C 3 -18.57 24.00 -7.53
C GLU C 3 -19.29 22.79 -6.91
N PHE C 4 -18.68 22.25 -5.85
CA PHE C 4 -19.30 21.26 -4.95
C PHE C 4 -20.28 21.97 -4.01
N ARG C 5 -21.37 21.29 -3.67
CA ARG C 5 -22.45 21.88 -2.85
C ARG C 5 -22.00 22.26 -1.41
N HIS C 6 -22.21 23.53 -1.05
CA HIS C 6 -21.90 24.08 0.27
C HIS C 6 -22.83 25.24 0.55
N GLU C 7 -23.11 25.50 1.83
CA GLU C 7 -23.94 26.64 2.17
C GLU C 7 -23.32 27.50 3.24
N ALA C 8 -23.15 28.77 2.92
CA ALA C 8 -22.84 29.80 3.91
C ALA C 8 -23.87 30.90 3.76
#